data_5EWW
#
_entry.id   5EWW
#
_cell.length_a   60.520
_cell.length_b   60.520
_cell.length_c   62.920
_cell.angle_alpha   90.00
_cell.angle_beta   90.00
_cell.angle_gamma   120.00
#
_symmetry.space_group_name_H-M   'P 32 2 1'
#
loop_
_entity.id
_entity.type
_entity.pdbx_description
1 polymer Peregrin
2 non-polymer ~{N}-[(2~{R})-butan-2-yl]-1-methyl-[1,2,4]triazolo[4,3-a]quinoxalin-4-amine
3 non-polymer 'NITRATE ION'
4 water water
#
_entity_poly.entity_id   1
_entity_poly.type   'polypeptide(L)'
_entity_poly.pdbx_seq_one_letter_code
;SMEMQLTPFLILLRKTLEQLQEKDTGNIFSEPVPLSEVPDYLDHIKKPMDFFTMKQNLEAYRYLNFDDFEEDFNLIVSNC
LKYNAKDTIFYRAAVRLREQGGAVLRQARRQAEKMG
;
_entity_poly.pdbx_strand_id   A
#
loop_
_chem_comp.id
_chem_comp.type
_chem_comp.name
_chem_comp.formula
5SK non-polymer ~{N}-[(2~{R})-butan-2-yl]-1-methyl-[1,2,4]triazolo[4,3-a]quinoxalin-4-amine 'C14 H17 N5'
NO3 non-polymer 'NITRATE ION' 'N O3 -1'
#
# COMPACT_ATOMS: atom_id res chain seq x y z
N GLU A 3 13.02 7.21 -17.71
CA GLU A 3 12.99 7.59 -19.12
C GLU A 3 11.92 6.81 -19.89
N MET A 4 10.66 7.02 -19.52
CA MET A 4 9.53 6.26 -20.05
C MET A 4 8.34 7.19 -20.26
N GLN A 5 7.27 6.64 -20.81
CA GLN A 5 6.02 7.37 -21.00
C GLN A 5 5.17 7.29 -19.75
N LEU A 6 4.45 8.39 -19.48
CA LEU A 6 3.70 8.51 -18.24
C LEU A 6 2.48 7.59 -18.25
N THR A 7 1.73 7.58 -19.35
CA THR A 7 0.47 6.83 -19.35
C THR A 7 0.67 5.33 -19.12
N PRO A 8 1.57 4.62 -19.80
CA PRO A 8 1.71 3.18 -19.54
C PRO A 8 2.17 2.89 -18.13
N PHE A 9 2.94 3.81 -17.55
CA PHE A 9 3.39 3.64 -16.18
C PHE A 9 2.23 3.78 -15.21
N LEU A 10 1.34 4.75 -15.43
CA LEU A 10 0.22 4.89 -14.52
C LEU A 10 -0.74 3.72 -14.66
N ILE A 11 -0.93 3.24 -15.90
CA ILE A 11 -1.74 2.04 -16.11
C ILE A 11 -1.18 0.87 -15.32
N LEU A 12 0.15 0.73 -15.29
CA LEU A 12 0.78 -0.36 -14.53
C LEU A 12 0.57 -0.17 -13.04
N LEU A 13 0.71 1.07 -12.53
CA LEU A 13 0.48 1.26 -11.09
C LEU A 13 -0.98 1.01 -10.73
N ARG A 14 -1.91 1.40 -11.61
CA ARG A 14 -3.32 1.13 -11.35
C ARG A 14 -3.57 -0.36 -11.22
N LYS A 15 -3.02 -1.13 -12.15
CA LYS A 15 -3.17 -2.59 -12.11
C LYS A 15 -2.50 -3.18 -10.88
N THR A 16 -1.31 -2.66 -10.55
CA THR A 16 -0.59 -3.17 -9.39
C THR A 16 -1.35 -2.87 -8.10
N LEU A 17 -1.93 -1.67 -8.01
CA LEU A 17 -2.69 -1.31 -6.81
C LEU A 17 -3.92 -2.20 -6.67
N GLU A 18 -4.58 -2.51 -7.80
CA GLU A 18 -5.71 -3.44 -7.74
C GLU A 18 -5.26 -4.81 -7.26
N GLN A 19 -4.07 -5.25 -7.68
CA GLN A 19 -3.60 -6.57 -7.25
C GLN A 19 -3.28 -6.58 -5.76
N LEU A 20 -2.72 -5.48 -5.27
CA LEU A 20 -2.45 -5.39 -3.84
C LEU A 20 -3.73 -5.37 -3.04
N GLN A 21 -4.72 -4.61 -3.51
CA GLN A 21 -6.00 -4.57 -2.81
C GLN A 21 -6.65 -5.94 -2.78
N GLU A 22 -6.43 -6.75 -3.83
CA GLU A 22 -6.99 -8.11 -3.86
C GLU A 22 -6.40 -8.98 -2.75
N LYS A 23 -5.14 -8.72 -2.37
CA LYS A 23 -4.51 -9.50 -1.30
C LYS A 23 -5.08 -9.16 0.06
N ASP A 24 -5.67 -7.97 0.22
CA ASP A 24 -6.28 -7.51 1.46
C ASP A 24 -7.74 -7.95 1.43
N THR A 25 -7.96 -9.24 1.73
CA THR A 25 -9.28 -9.82 1.50
C THR A 25 -10.32 -9.29 2.48
N GLY A 26 -9.90 -8.95 3.70
CA GLY A 26 -10.79 -8.30 4.65
C GLY A 26 -11.06 -6.84 4.39
N ASN A 27 -10.39 -6.25 3.38
CA ASN A 27 -10.50 -4.82 3.10
C ASN A 27 -10.17 -3.98 4.32
N ILE A 28 -9.28 -4.48 5.19
CA ILE A 28 -8.96 -3.71 6.39
C ILE A 28 -8.00 -2.58 6.10
N PHE A 29 -7.43 -2.54 4.89
CA PHE A 29 -6.53 -1.46 4.50
C PHE A 29 -7.11 -0.62 3.37
N SER A 30 -8.39 -0.80 3.05
CA SER A 30 -8.96 -0.14 1.87
CA SER A 30 -8.99 -0.14 1.88
C SER A 30 -9.25 1.35 2.11
N GLU A 31 -9.48 1.75 3.35
CA GLU A 31 -9.81 3.12 3.70
C GLU A 31 -8.96 3.53 4.89
N PRO A 32 -8.84 4.84 5.14
CA PRO A 32 -8.10 5.29 6.33
C PRO A 32 -8.65 4.68 7.61
N VAL A 33 -7.74 4.41 8.55
CA VAL A 33 -8.14 3.96 9.87
C VAL A 33 -9.09 5.02 10.44
N PRO A 34 -10.31 4.66 10.83
CA PRO A 34 -11.27 5.66 11.30
C PRO A 34 -10.84 6.27 12.63
N LEU A 35 -10.27 7.47 12.58
CA LEU A 35 -9.72 8.10 13.77
C LEU A 35 -10.76 8.30 14.86
N SER A 36 -12.05 8.34 14.50
CA SER A 36 -13.10 8.44 15.51
C SER A 36 -13.36 7.12 16.22
N GLU A 37 -13.05 5.99 15.59
CA GLU A 37 -13.16 4.70 16.25
C GLU A 37 -11.87 4.26 16.92
N VAL A 38 -10.75 4.84 16.51
CA VAL A 38 -9.44 4.54 17.09
C VAL A 38 -8.81 5.87 17.51
N PRO A 39 -9.29 6.50 18.59
CA PRO A 39 -8.93 7.89 18.87
C PRO A 39 -7.46 8.13 19.15
N ASP A 40 -6.69 7.10 19.51
CA ASP A 40 -5.28 7.27 19.82
C ASP A 40 -4.37 6.91 18.64
N TYR A 41 -4.94 6.68 17.46
CA TYR A 41 -4.15 6.17 16.34
C TYR A 41 -3.09 7.17 15.91
N LEU A 42 -3.47 8.44 15.76
CA LEU A 42 -2.51 9.47 15.37
C LEU A 42 -1.54 9.82 16.48
N ASP A 43 -1.78 9.38 17.71
CA ASP A 43 -0.77 9.53 18.75
C ASP A 43 0.44 8.66 18.46
N HIS A 44 0.25 7.57 17.73
CA HIS A 44 1.29 6.58 17.46
C HIS A 44 1.79 6.59 16.02
N ILE A 45 0.97 7.01 15.06
CA ILE A 45 1.24 6.82 13.64
C ILE A 45 1.51 8.17 13.00
N LYS A 46 2.76 8.37 12.56
CA LYS A 46 3.18 9.67 12.02
C LYS A 46 2.48 9.99 10.69
N LYS A 47 2.34 8.99 9.82
CA LYS A 47 1.72 9.19 8.50
C LYS A 47 0.80 8.03 8.19
N PRO A 48 -0.51 8.18 8.43
CA PRO A 48 -1.45 7.13 8.03
C PRO A 48 -1.42 6.92 6.54
N MET A 49 -1.69 5.68 6.12
CA MET A 49 -1.79 5.39 4.70
C MET A 49 -2.75 4.23 4.53
N ASP A 50 -3.39 4.21 3.36
CA ASP A 50 -4.39 3.22 3.01
C ASP A 50 -4.51 3.19 1.50
N PHE A 51 -5.22 2.17 0.99
CA PHE A 51 -5.29 1.97 -0.45
C PHE A 51 -6.11 3.05 -1.15
N PHE A 52 -7.18 3.53 -0.50
CA PHE A 52 -7.96 4.61 -1.09
C PHE A 52 -7.12 5.86 -1.25
N THR A 53 -6.35 6.22 -0.22
CA THR A 53 -5.45 7.36 -0.33
C THR A 53 -4.40 7.12 -1.43
N MET A 54 -3.90 5.88 -1.53
CA MET A 54 -2.93 5.59 -2.60
C MET A 54 -3.53 5.81 -3.97
N LYS A 55 -4.80 5.45 -4.14
CA LYS A 55 -5.44 5.69 -5.42
C LYS A 55 -5.55 7.18 -5.72
N GLN A 56 -5.93 7.98 -4.72
CA GLN A 56 -6.00 9.42 -4.93
C GLN A 56 -4.64 9.98 -5.25
N ASN A 57 -3.61 9.55 -4.51
CA ASN A 57 -2.25 9.99 -4.82
C ASN A 57 -1.86 9.58 -6.24
N LEU A 58 -2.18 8.35 -6.64
CA LEU A 58 -1.87 7.89 -7.99
C LEU A 58 -2.45 8.83 -9.04
N GLU A 59 -3.75 9.14 -8.91
CA GLU A 59 -4.41 9.98 -9.91
C GLU A 59 -4.02 11.44 -9.80
N ALA A 60 -3.43 11.86 -8.69
CA ALA A 60 -2.89 13.20 -8.55
C ALA A 60 -1.46 13.29 -9.04
N TYR A 61 -0.96 12.24 -9.68
CA TYR A 61 0.40 12.19 -10.22
C TYR A 61 1.47 12.28 -9.14
N ARG A 62 1.16 11.76 -7.95
CA ARG A 62 2.15 11.79 -6.87
C ARG A 62 3.14 10.65 -6.97
N TYR A 63 2.85 9.62 -7.77
CA TYR A 63 3.72 8.46 -7.93
C TYR A 63 4.27 8.49 -9.35
N LEU A 64 5.50 8.98 -9.51
CA LEU A 64 6.17 9.01 -10.81
C LEU A 64 7.31 8.02 -10.91
N ASN A 65 7.55 7.21 -9.88
CA ASN A 65 8.52 6.13 -9.99
C ASN A 65 8.03 5.02 -9.09
N PHE A 66 8.59 3.83 -9.27
CA PHE A 66 8.06 2.71 -8.53
C PHE A 66 8.33 2.84 -7.04
N ASP A 67 9.48 3.45 -6.67
CA ASP A 67 9.83 3.51 -5.25
C ASP A 67 8.83 4.36 -4.46
N ASP A 68 8.28 5.42 -5.06
CA ASP A 68 7.37 6.23 -4.27
C ASP A 68 6.04 5.54 -4.07
N PHE A 69 5.61 4.75 -5.05
CA PHE A 69 4.42 3.92 -4.89
C PHE A 69 4.62 2.86 -3.82
N GLU A 70 5.74 2.13 -3.90
CA GLU A 70 6.05 1.09 -2.93
C GLU A 70 6.27 1.65 -1.53
N GLU A 71 6.80 2.86 -1.42
CA GLU A 71 6.99 3.47 -0.09
C GLU A 71 5.66 3.62 0.64
N ASP A 72 4.60 3.99 -0.09
CA ASP A 72 3.32 4.19 0.56
C ASP A 72 2.65 2.86 0.88
N PHE A 73 2.85 1.85 0.03
CA PHE A 73 2.42 0.51 0.39
C PHE A 73 3.11 0.04 1.67
N ASN A 74 4.43 0.29 1.75
CA ASN A 74 5.16 -0.14 2.94
C ASN A 74 4.64 0.53 4.19
N LEU A 75 4.12 1.77 4.07
CA LEU A 75 3.54 2.46 5.22
C LEU A 75 2.27 1.75 5.70
N ILE A 76 1.42 1.30 4.77
CA ILE A 76 0.23 0.54 5.16
C ILE A 76 0.63 -0.63 6.04
N VAL A 77 1.66 -1.37 5.62
CA VAL A 77 2.14 -2.50 6.39
C VAL A 77 2.77 -2.06 7.70
N SER A 78 3.73 -1.12 7.64
CA SER A 78 4.51 -0.81 8.84
CA SER A 78 4.50 -0.80 8.83
C SER A 78 3.64 -0.12 9.89
N ASN A 79 2.70 0.72 9.49
CA ASN A 79 1.82 1.36 10.48
C ASN A 79 1.04 0.31 11.23
N CYS A 80 0.56 -0.70 10.51
CA CYS A 80 -0.26 -1.74 11.13
C CYS A 80 0.55 -2.60 12.07
N LEU A 81 1.78 -2.96 11.68
CA LEU A 81 2.68 -3.69 12.56
C LEU A 81 2.98 -2.88 13.80
N LYS A 82 3.19 -1.57 13.63
CA LYS A 82 3.52 -0.73 14.79
C LYS A 82 2.35 -0.60 15.74
N TYR A 83 1.15 -0.36 15.22
CA TYR A 83 0.04 0.01 16.10
C TYR A 83 -0.54 -1.18 16.84
N ASN A 84 -0.52 -2.37 16.25
CA ASN A 84 -1.30 -3.50 16.77
C ASN A 84 -0.38 -4.50 17.45
N ALA A 85 -0.88 -5.10 18.54
CA ALA A 85 -0.11 -6.13 19.22
C ALA A 85 0.09 -7.35 18.31
N LYS A 86 1.15 -8.12 18.61
CA LYS A 86 1.50 -9.22 17.71
C LYS A 86 0.44 -10.32 17.71
N ASP A 87 -0.29 -10.50 18.80
CA ASP A 87 -1.23 -11.62 18.83
C ASP A 87 -2.59 -11.28 18.22
N THR A 88 -2.65 -10.29 17.35
CA THR A 88 -3.93 -9.84 16.82
C THR A 88 -4.07 -10.24 15.35
N ILE A 89 -5.33 -10.29 14.90
CA ILE A 89 -5.59 -10.50 13.48
C ILE A 89 -4.97 -9.38 12.64
N PHE A 90 -5.08 -8.13 13.10
CA PHE A 90 -4.55 -7.02 12.31
C PHE A 90 -3.05 -7.17 12.07
N TYR A 91 -2.29 -7.46 13.13
CA TYR A 91 -0.85 -7.62 12.96
C TYR A 91 -0.54 -8.74 11.96
N ARG A 92 -1.19 -9.90 12.12
CA ARG A 92 -0.89 -10.99 11.20
C ARG A 92 -1.32 -10.64 9.79
N ALA A 93 -2.39 -9.86 9.64
CA ALA A 93 -2.83 -9.46 8.30
C ALA A 93 -1.78 -8.59 7.63
N ALA A 94 -1.09 -7.74 8.40
CA ALA A 94 -0.04 -6.91 7.81
C ALA A 94 1.17 -7.76 7.42
N VAL A 95 1.50 -8.77 8.22
CA VAL A 95 2.57 -9.70 7.85
C VAL A 95 2.22 -10.40 6.53
N ARG A 96 0.99 -10.88 6.43
CA ARG A 96 0.57 -11.58 5.21
C ARG A 96 0.59 -10.64 4.02
N LEU A 97 0.15 -9.40 4.22
CA LEU A 97 0.17 -8.43 3.12
C LEU A 97 1.59 -8.09 2.71
N ARG A 98 2.49 -7.97 3.69
CA ARG A 98 3.89 -7.76 3.36
C ARG A 98 4.41 -8.87 2.46
N GLU A 99 4.08 -10.11 2.79
CA GLU A 99 4.58 -11.24 2.04
C GLU A 99 3.93 -11.31 0.67
N GLN A 100 2.59 -11.32 0.64
CA GLN A 100 1.90 -11.46 -0.65
C GLN A 100 2.06 -10.22 -1.50
N GLY A 101 1.98 -9.04 -0.88
CA GLY A 101 2.18 -7.80 -1.61
C GLY A 101 3.58 -7.66 -2.16
N GLY A 102 4.58 -8.16 -1.43
CA GLY A 102 5.94 -8.02 -1.90
C GLY A 102 6.18 -8.73 -3.22
N ALA A 103 5.52 -9.87 -3.42
CA ALA A 103 5.63 -10.60 -4.67
C ALA A 103 4.93 -9.87 -5.80
N VAL A 104 3.76 -9.29 -5.51
CA VAL A 104 3.09 -8.45 -6.51
C VAL A 104 4.00 -7.32 -6.94
N LEU A 105 4.70 -6.70 -5.99
CA LEU A 105 5.50 -5.52 -6.31
C LEU A 105 6.76 -5.88 -7.09
N ARG A 106 7.41 -7.01 -6.75
N ARG A 106 7.39 -7.01 -6.74
CA ARG A 106 8.59 -7.40 -7.50
CA ARG A 106 8.58 -7.45 -7.46
C ARG A 106 8.26 -7.63 -8.96
C ARG A 106 8.27 -7.67 -8.94
N GLN A 107 7.15 -8.33 -9.24
CA GLN A 107 6.76 -8.57 -10.62
C GLN A 107 6.45 -7.26 -11.33
N ALA A 108 5.69 -6.38 -10.67
CA ALA A 108 5.33 -5.12 -11.31
C ALA A 108 6.55 -4.26 -11.56
N ARG A 109 7.52 -4.30 -10.63
CA ARG A 109 8.74 -3.50 -10.80
C ARG A 109 9.54 -3.99 -11.99
N ARG A 110 9.58 -5.31 -12.21
N ARG A 110 9.55 -5.29 -12.25
CA ARG A 110 10.24 -5.84 -13.40
CA ARG A 110 10.28 -5.81 -13.41
C ARG A 110 9.63 -5.27 -14.67
C ARG A 110 9.56 -5.55 -14.73
N GLN A 111 8.30 -5.15 -14.70
CA GLN A 111 7.64 -4.66 -15.90
C GLN A 111 7.87 -3.16 -16.08
N ALA A 112 7.99 -2.41 -14.98
CA ALA A 112 8.36 -1.00 -15.08
C ALA A 112 9.77 -0.84 -15.61
N GLU A 113 10.68 -1.75 -15.22
CA GLU A 113 12.05 -1.69 -15.73
C GLU A 113 12.10 -2.00 -17.24
N LYS A 114 11.12 -2.74 -17.75
CA LYS A 114 11.03 -2.96 -19.20
C LYS A 114 10.65 -1.69 -19.96
N MET A 115 10.16 -0.67 -19.27
CA MET A 115 9.75 0.57 -19.91
C MET A 115 10.94 1.53 -20.08
CAA 5SK B . -7.74 -1.69 18.95
CAH 5SK B . -7.20 -0.98 17.69
CAR 5SK B . -7.39 -1.86 16.45
CAC 5SK B . -8.88 -2.22 16.37
NAL 5SK B . -6.80 -1.15 15.27
CAN 5SK B . -7.33 -0.99 14.04
NAK 5SK B . -8.63 -0.79 13.79
CAO 5SK B . -9.08 -0.63 12.55
CAF 5SK B . -10.45 -0.44 12.34
CAD 5SK B . -10.93 -0.26 11.05
CAE 5SK B . -10.05 -0.28 9.98
CAG 5SK B . -8.69 -0.47 10.20
CAP 5SK B . -8.19 -0.65 11.48
NAS 5SK B . -6.88 -0.84 11.77
CAQ 5SK B . -6.46 -1.00 13.03
NAJ 5SK B . -5.13 -1.16 12.99
NAI 5SK B . -4.72 -1.11 11.86
CAM 5SK B . -5.76 -0.92 11.05
CAB 5SK B . -5.57 -0.80 9.52
N NO3 C . 6.83 -9.76 11.66
O1 NO3 C . 7.56 -10.70 10.68
O2 NO3 C . 6.53 -8.47 11.27
O3 NO3 C . 6.49 -10.20 12.94
#